data_8US3
#
_entry.id   8US3
#
_cell.length_a   140.400
_cell.length_b   63.880
_cell.length_c   81.360
_cell.angle_alpha   90.000
_cell.angle_beta   99.400
_cell.angle_gamma   90.000
#
_symmetry.space_group_name_H-M   'C 1 2 1'
#
loop_
_entity.id
_entity.type
_entity.pdbx_description
1 polymer 'Translocation and assembly module subunit TamA'
2 non-polymer (HYDROXYETHYLOXY)TRI(ETHYLOXY)OCTANE
3 non-polymer 'MAGNESIUM ION'
4 water water
#
_entity_poly.entity_id   1
_entity_poly.type   'polypeptide(L)'
_entity_poly.pdbx_seq_one_letter_code
;FQGSESQLSVRVTPANAALKANIEAYVGSLGERDEAALQRFRRNAEAQAEKAAQALGYFQAQIDSEVKDGKPPKLTLKVV
PGEPVRLRQVNIQVLGEAASLESFRLPSGKQLKPGAKLNQGVYEDAKRLIQNQASRYGFFQGRFSTQRLSIDPRAGIADI
DLVYDSGQRYTFGKVSFDGDSIIEEELLRRMVPFKAGQPYDSELIAELNQNLQSSGYFEGVRVDAAPTQAQADGARQAIP
VAVRLEARKPRTMGVGLGFSTDVGARARFNWTRHWVNAEGHSLGFESEISAPRQNVGAWYEIPLDPPLTDKLRFTSGYQF
EDLVDTESKLLTLGGEWHSKRPDGWQRVVSLNWMREEYKLGDDSGLSSFLMPGIGYSLLETDNKVDPSHGYRLQFNVKGA
KEGLLADADVLHVDAMAKGLTSFAGGHRLLGRLQVGGIATNDYKSIPPSLRFFAGGDQSVRGYDYRTLSPENSDGDKIGG
RYMIAGSVEYQYPLAERWRLATFVDQGNAFNSLDFPSIKTGVGFGVRWVSPVGPLRLDLAHALDDDGGFRLHFSMGPEL
;
_entity_poly.pdbx_strand_id   A
#
# COMPACT_ATOMS: atom_id res chain seq x y z
N GLY A 3 19.34 -24.12 -24.32
CA GLY A 3 19.21 -23.43 -25.61
C GLY A 3 18.29 -24.16 -26.56
N SER A 4 18.10 -23.61 -27.76
CA SER A 4 18.76 -22.36 -28.15
C SER A 4 17.74 -21.33 -28.64
N GLU A 5 18.11 -20.06 -28.55
CA GLU A 5 17.23 -18.96 -28.97
C GLU A 5 18.02 -17.94 -29.80
N SER A 6 17.39 -17.40 -30.84
CA SER A 6 18.11 -16.71 -31.93
C SER A 6 18.33 -15.20 -31.76
N GLN A 7 19.44 -14.80 -31.15
CA GLN A 7 19.59 -13.41 -30.69
C GLN A 7 19.43 -12.26 -31.70
N LEU A 8 18.51 -11.36 -31.41
CA LEU A 8 18.22 -10.16 -32.18
C LEU A 8 19.31 -9.07 -32.14
N SER A 9 19.60 -8.37 -33.24
CA SER A 9 20.72 -7.45 -33.15
C SER A 9 20.27 -6.16 -33.85
N VAL A 10 20.46 -5.05 -33.15
CA VAL A 10 20.17 -3.70 -33.62
C VAL A 10 21.37 -2.79 -33.79
N ARG A 11 21.61 -2.22 -34.95
CA ARG A 11 22.78 -1.36 -35.02
C ARG A 11 22.23 0.00 -35.43
N VAL A 12 22.46 0.99 -34.56
CA VAL A 12 22.00 2.37 -34.79
C VAL A 12 23.15 3.32 -35.00
N THR A 13 23.27 3.88 -36.20
CA THR A 13 24.38 4.78 -36.47
C THR A 13 23.82 6.18 -36.72
N PRO A 14 24.13 7.11 -35.80
CA PRO A 14 25.11 6.83 -34.75
C PRO A 14 24.36 6.59 -33.44
N ALA A 15 25.07 6.26 -32.37
CA ALA A 15 24.40 5.62 -31.23
C ALA A 15 23.18 6.39 -30.76
N ASN A 16 22.13 5.64 -30.43
CA ASN A 16 20.90 6.22 -29.89
C ASN A 16 20.21 5.16 -29.04
N ALA A 17 20.51 5.16 -27.74
CA ALA A 17 20.04 4.10 -26.85
C ALA A 17 18.52 4.01 -26.79
N ALA A 18 17.87 5.18 -26.76
CA ALA A 18 16.41 5.26 -26.74
C ALA A 18 15.78 4.53 -27.94
N LEU A 19 16.14 4.98 -29.14
CA LEU A 19 15.66 4.38 -30.38
C LEU A 19 15.95 2.89 -30.44
N LYS A 20 17.16 2.50 -30.05
CA LYS A 20 17.56 1.10 -30.05
C LYS A 20 16.62 0.28 -29.17
N ALA A 21 16.48 0.68 -27.91
CA ALA A 21 15.63 -0.06 -26.97
C ALA A 21 14.17 -0.11 -27.46
N ASN A 22 13.71 0.97 -28.08
CA ASN A 22 12.34 1.00 -28.59
C ASN A 22 12.17 -0.04 -29.70
N ILE A 23 13.11 -0.05 -30.64
CA ILE A 23 13.09 -1.02 -31.72
C ILE A 23 13.13 -2.44 -31.18
N GLU A 24 13.94 -2.66 -30.14
CA GLU A 24 14.07 -3.98 -29.53
C GLU A 24 12.76 -4.42 -28.90
N ALA A 25 12.05 -3.48 -28.27
CA ALA A 25 10.77 -3.79 -27.66
C ALA A 25 9.69 -4.04 -28.72
N TYR A 26 9.75 -3.29 -29.81
CA TYR A 26 8.77 -3.40 -30.88
C TYR A 26 8.90 -4.67 -31.71
N VAL A 27 10.13 -5.05 -32.04
CA VAL A 27 10.37 -6.27 -32.80
C VAL A 27 9.99 -7.48 -31.96
N GLY A 28 10.34 -7.45 -30.67
CA GLY A 28 9.99 -8.52 -29.76
C GLY A 28 11.05 -9.61 -29.78
N SER A 29 10.67 -10.79 -29.32
CA SER A 29 11.59 -11.93 -29.32
C SER A 29 11.53 -12.68 -30.64
N LEU A 30 12.70 -13.03 -31.15
CA LEU A 30 12.83 -13.80 -32.39
C LEU A 30 12.35 -15.24 -32.18
N GLY A 31 12.51 -15.72 -30.95
CA GLY A 31 12.13 -17.08 -30.61
C GLY A 31 13.21 -18.09 -30.89
N GLU A 32 12.84 -19.34 -31.17
CA GLU A 32 13.85 -20.36 -31.44
C GLU A 32 14.03 -20.79 -32.88
N ARG A 33 15.14 -20.34 -33.48
CA ARG A 33 15.48 -20.68 -34.86
C ARG A 33 14.43 -20.11 -35.82
N ASP A 34 14.63 -20.14 -37.14
CA ASP A 34 15.84 -20.57 -37.85
C ASP A 34 16.06 -19.57 -38.98
N GLU A 35 17.04 -19.82 -39.84
CA GLU A 35 17.36 -18.85 -40.87
C GLU A 35 16.12 -18.55 -41.70
N ALA A 36 15.49 -19.59 -42.25
CA ALA A 36 14.29 -19.44 -43.07
C ALA A 36 13.19 -18.63 -42.37
N ALA A 37 12.86 -19.04 -41.14
CA ALA A 37 11.82 -18.40 -40.34
C ALA A 37 12.16 -16.93 -40.07
N LEU A 38 13.45 -16.65 -39.91
CA LEU A 38 13.93 -15.29 -39.72
C LEU A 38 13.76 -14.50 -41.03
N GLN A 39 13.92 -15.19 -42.15
CA GLN A 39 13.82 -14.57 -43.47
C GLN A 39 12.38 -14.15 -43.70
N ARG A 40 11.44 -15.00 -43.28
CA ARG A 40 10.01 -14.67 -43.37
C ARG A 40 9.68 -13.49 -42.45
N PHE A 41 10.46 -13.38 -41.37
CA PHE A 41 10.19 -12.42 -40.31
C PHE A 41 10.70 -11.04 -40.67
N ARG A 42 11.50 -10.95 -41.73
CA ARG A 42 12.18 -9.71 -42.08
C ARG A 42 11.25 -8.55 -42.37
N ARG A 43 10.16 -8.81 -43.10
CA ARG A 43 9.27 -7.72 -43.47
C ARG A 43 8.58 -7.20 -42.21
N ASN A 44 8.23 -8.13 -41.32
CA ASN A 44 7.68 -7.76 -40.03
C ASN A 44 8.67 -7.00 -39.18
N ALA A 45 9.93 -7.43 -39.20
CA ALA A 45 10.98 -6.82 -38.42
C ALA A 45 11.21 -5.37 -38.82
N GLU A 46 11.35 -5.16 -40.14
CA GLU A 46 11.53 -3.81 -40.66
C GLU A 46 10.29 -2.96 -40.42
N ALA A 47 9.11 -3.56 -40.56
CA ALA A 47 7.85 -2.86 -40.30
C ALA A 47 7.78 -2.35 -38.85
N GLN A 48 7.93 -3.27 -37.90
CA GLN A 48 7.96 -2.95 -36.48
C GLN A 48 9.02 -1.91 -36.12
N ALA A 49 10.23 -2.11 -36.62
CA ALA A 49 11.35 -1.17 -36.40
C ALA A 49 11.01 0.23 -36.88
N GLU A 50 10.32 0.31 -38.02
CA GLU A 50 10.00 1.62 -38.59
C GLU A 50 8.82 2.22 -37.85
N LYS A 51 7.95 1.36 -37.32
CA LYS A 51 6.95 1.83 -36.37
C LYS A 51 7.62 2.49 -35.19
N ALA A 52 8.64 1.85 -34.63
CA ALA A 52 9.35 2.38 -33.46
C ALA A 52 10.04 3.72 -33.75
N ALA A 53 10.61 3.82 -34.95
CA ALA A 53 11.26 5.06 -35.37
C ALA A 53 10.21 6.15 -35.51
N GLN A 54 9.09 5.82 -36.15
CA GLN A 54 8.02 6.77 -36.36
C GLN A 54 7.49 7.19 -34.99
N ALA A 55 7.56 6.25 -34.05
CA ALA A 55 7.08 6.48 -32.70
C ALA A 55 7.99 7.42 -31.93
N LEU A 56 9.23 7.56 -32.37
CA LEU A 56 10.14 8.46 -31.64
C LEU A 56 10.40 9.74 -32.44
N GLY A 57 9.67 9.88 -33.55
CA GLY A 57 9.73 11.08 -34.36
C GLY A 57 10.57 10.98 -35.61
N TYR A 58 11.31 9.88 -35.78
CA TYR A 58 12.14 9.69 -36.96
C TYR A 58 11.31 9.07 -38.07
N PHE A 59 10.99 9.88 -39.08
CA PHE A 59 10.16 9.40 -40.20
C PHE A 59 10.95 9.18 -41.48
N GLN A 60 12.05 9.93 -41.66
CA GLN A 60 13.01 9.63 -42.71
C GLN A 60 13.96 8.57 -42.16
N ALA A 61 13.30 7.57 -41.57
CA ALA A 61 13.83 6.31 -41.08
C ALA A 61 14.13 5.33 -42.20
N GLN A 62 15.40 4.99 -42.36
CA GLN A 62 15.83 4.08 -43.41
C GLN A 62 16.47 2.89 -42.71
N ILE A 63 15.88 1.71 -42.94
CA ILE A 63 16.38 0.47 -42.35
C ILE A 63 16.67 -0.63 -43.38
N ASP A 64 17.52 -1.56 -42.95
CA ASP A 64 18.03 -2.66 -43.75
C ASP A 64 18.05 -3.96 -42.93
N SER A 65 17.52 -5.07 -43.44
CA SER A 65 17.66 -6.27 -42.63
C SER A 65 18.78 -7.15 -43.20
N GLU A 66 19.49 -7.76 -42.26
CA GLU A 66 20.52 -8.79 -42.45
C GLU A 66 20.25 -10.07 -41.69
N VAL A 67 20.36 -11.24 -42.33
CA VAL A 67 20.06 -12.46 -41.59
C VAL A 67 21.23 -13.44 -41.76
N LYS A 68 21.84 -13.73 -40.62
CA LYS A 68 22.95 -14.66 -40.49
C LYS A 68 22.53 -15.92 -39.73
N ASP A 69 23.21 -17.03 -40.02
CA ASP A 69 22.90 -18.30 -39.39
C ASP A 69 24.06 -18.78 -38.53
N GLY A 70 23.78 -19.68 -37.59
CA GLY A 70 24.82 -20.23 -36.73
C GLY A 70 24.26 -20.92 -35.50
N LYS A 71 24.93 -20.71 -34.37
CA LYS A 71 24.51 -21.31 -33.10
C LYS A 71 24.42 -20.28 -31.99
N PRO A 72 23.24 -19.68 -31.81
CA PRO A 72 22.01 -19.81 -32.58
C PRO A 72 22.00 -18.97 -33.87
N PRO A 73 20.82 -18.73 -34.47
CA PRO A 73 20.95 -17.81 -35.61
C PRO A 73 20.88 -16.37 -35.14
N LYS A 74 21.08 -15.41 -36.04
CA LYS A 74 20.88 -14.01 -35.69
C LYS A 74 20.42 -13.15 -36.85
N LEU A 75 19.86 -11.99 -36.54
CA LEU A 75 19.32 -11.12 -37.55
C LEU A 75 19.79 -9.77 -37.04
N THR A 76 20.54 -9.09 -37.89
CA THR A 76 21.00 -7.71 -37.72
C THR A 76 20.29 -6.63 -38.52
N LEU A 77 19.53 -5.79 -37.84
CA LEU A 77 18.82 -4.73 -38.51
C LEU A 77 19.76 -3.53 -38.42
N LYS A 78 19.97 -2.86 -39.56
CA LYS A 78 20.70 -1.59 -39.55
C LYS A 78 19.65 -0.52 -39.70
N VAL A 79 19.63 0.36 -38.71
CA VAL A 79 18.82 1.56 -38.68
C VAL A 79 19.50 2.92 -38.77
N VAL A 80 18.92 3.87 -39.50
CA VAL A 80 19.57 5.15 -39.74
C VAL A 80 18.31 6.00 -39.62
N PRO A 81 18.37 7.01 -38.73
CA PRO A 81 17.35 8.06 -38.54
C PRO A 81 17.41 9.52 -38.99
N GLY A 82 16.63 9.91 -40.00
CA GLY A 82 16.72 11.25 -40.59
C GLY A 82 16.37 12.12 -39.36
N GLU A 83 16.77 13.39 -39.26
CA GLU A 83 16.54 14.11 -38.00
C GLU A 83 15.02 14.19 -37.74
N PRO A 84 14.58 14.28 -36.47
CA PRO A 84 13.16 14.00 -36.28
C PRO A 84 12.19 15.09 -36.71
N VAL A 85 10.90 14.75 -36.66
CA VAL A 85 9.80 15.66 -36.96
C VAL A 85 9.40 16.45 -35.73
N ARG A 86 9.63 17.76 -35.75
CA ARG A 86 9.37 18.60 -34.59
C ARG A 86 8.01 19.30 -34.68
N LEU A 87 7.25 19.29 -33.58
CA LEU A 87 5.96 19.99 -33.54
C LEU A 87 6.12 21.47 -33.85
N ARG A 88 5.27 21.97 -34.75
CA ARG A 88 5.21 23.39 -35.04
C ARG A 88 4.00 23.98 -34.30
N GLN A 89 2.80 23.68 -34.78
CA GLN A 89 1.59 24.12 -34.10
C GLN A 89 1.07 23.07 -33.11
N VAL A 90 0.78 23.51 -31.89
CA VAL A 90 0.13 22.66 -30.89
C VAL A 90 -0.98 23.46 -30.19
N ASN A 91 -2.22 23.07 -30.44
CA ASN A 91 -3.38 23.74 -29.88
C ASN A 91 -4.22 22.78 -29.05
N ILE A 92 -4.08 22.83 -27.74
CA ILE A 92 -4.89 22.00 -26.87
C ILE A 92 -5.81 22.87 -26.01
N GLN A 93 -7.11 22.70 -26.26
CA GLN A 93 -8.14 23.51 -25.64
C GLN A 93 -9.24 22.63 -25.07
N VAL A 94 -9.62 22.92 -23.83
CA VAL A 94 -10.77 22.25 -23.23
C VAL A 94 -11.84 23.31 -23.04
N LEU A 95 -12.93 23.16 -23.79
CA LEU A 95 -14.05 24.08 -23.73
C LEU A 95 -15.23 23.46 -23.01
N GLY A 96 -16.27 24.25 -22.80
CA GLY A 96 -17.43 23.79 -22.06
C GLY A 96 -17.25 24.10 -20.59
N GLU A 97 -18.08 23.48 -19.76
CA GLU A 97 -18.00 23.67 -18.31
C GLU A 97 -16.62 23.29 -17.77
N ALA A 98 -16.02 22.25 -18.35
CA ALA A 98 -14.74 21.70 -17.87
C ALA A 98 -13.62 22.74 -17.91
N ALA A 99 -13.79 23.73 -18.79
CA ALA A 99 -12.86 24.85 -18.95
C ALA A 99 -12.65 25.58 -17.63
N SER A 100 -13.65 25.44 -16.75
CA SER A 100 -13.70 26.17 -15.49
C SER A 100 -13.45 25.29 -14.26
N LEU A 101 -13.13 24.02 -14.48
CA LEU A 101 -12.87 23.12 -13.37
C LEU A 101 -11.42 23.22 -12.92
N GLU A 102 -11.24 23.50 -11.63
CA GLU A 102 -9.91 23.77 -11.07
C GLU A 102 -8.96 22.60 -11.29
N SER A 103 -9.44 21.41 -10.95
CA SER A 103 -8.58 20.24 -10.84
C SER A 103 -8.50 19.47 -12.16
N PHE A 104 -9.12 20.01 -13.19
CA PHE A 104 -9.03 19.41 -14.52
C PHE A 104 -7.66 19.74 -15.12
N ARG A 105 -6.74 18.79 -15.00
CA ARG A 105 -5.40 18.94 -15.55
C ARG A 105 -5.46 19.08 -17.06
N LEU A 106 -4.96 20.21 -17.56
CA LEU A 106 -4.76 20.35 -18.98
C LEU A 106 -3.49 19.60 -19.34
N PRO A 107 -3.46 18.97 -20.52
CA PRO A 107 -2.24 18.33 -21.02
C PRO A 107 -1.06 19.30 -21.05
N SER A 108 0.01 18.92 -20.37
CA SER A 108 1.16 19.80 -20.24
C SER A 108 2.46 19.04 -20.43
N GLY A 109 3.57 19.76 -20.37
CA GLY A 109 4.88 19.15 -20.30
C GLY A 109 5.76 19.46 -21.49
N LYS A 110 7.02 19.01 -21.41
CA LYS A 110 8.02 19.23 -22.45
C LYS A 110 7.62 18.64 -23.81
N GLN A 111 7.04 17.43 -23.77
CA GLN A 111 6.75 16.64 -24.95
C GLN A 111 5.67 17.23 -25.88
N LEU A 112 4.96 18.25 -25.39
CA LEU A 112 3.91 18.89 -26.18
C LEU A 112 4.24 20.34 -26.51
N LYS A 113 5.48 20.73 -26.21
CA LYS A 113 5.98 22.06 -26.57
C LYS A 113 6.46 22.10 -28.03
N PRO A 114 6.14 23.20 -28.74
CA PRO A 114 6.70 23.47 -30.08
C PRO A 114 8.22 23.35 -30.14
N GLY A 115 8.72 22.71 -31.19
CA GLY A 115 10.15 22.49 -31.32
C GLY A 115 10.57 21.10 -30.89
N ALA A 116 9.73 20.48 -30.06
CA ALA A 116 9.99 19.14 -29.54
C ALA A 116 9.81 18.06 -30.59
N LYS A 117 10.68 17.05 -30.54
CA LYS A 117 10.56 15.84 -31.33
C LYS A 117 9.24 15.13 -31.00
N LEU A 118 8.47 14.73 -31.99
CA LEU A 118 7.20 14.05 -31.72
C LEU A 118 7.40 12.65 -31.17
N ASN A 119 6.87 12.41 -29.97
CA ASN A 119 6.97 11.09 -29.35
C ASN A 119 5.66 10.31 -29.45
N GLN A 120 5.77 8.98 -29.54
CA GLN A 120 4.60 8.13 -29.67
C GLN A 120 3.57 8.31 -28.57
N GLY A 121 2.40 8.74 -28.96
CA GLY A 121 1.28 8.69 -28.05
C GLY A 121 1.23 9.85 -27.08
N VAL A 122 2.13 10.81 -27.22
CA VAL A 122 2.01 12.01 -26.42
C VAL A 122 0.67 12.65 -26.78
N TYR A 123 0.34 12.57 -28.07
CA TYR A 123 -0.92 13.07 -28.59
C TYR A 123 -2.00 12.23 -27.92
N GLU A 124 -1.88 10.92 -28.07
CA GLU A 124 -2.79 9.96 -27.42
C GLU A 124 -2.75 10.04 -25.90
N ASP A 125 -1.60 10.33 -25.30
CA ASP A 125 -1.53 10.49 -23.85
C ASP A 125 -2.42 11.65 -23.44
N ALA A 126 -2.26 12.77 -24.14
CA ALA A 126 -3.05 13.98 -23.93
C ALA A 126 -4.54 13.69 -24.07
N LYS A 127 -4.88 12.99 -25.15
CA LYS A 127 -6.25 12.63 -25.47
C LYS A 127 -6.87 11.76 -24.39
N ARG A 128 -6.11 10.76 -23.97
CA ARG A 128 -6.50 9.84 -22.91
C ARG A 128 -6.69 10.57 -21.59
N LEU A 129 -5.81 11.51 -21.30
CA LEU A 129 -5.89 12.29 -20.08
C LEU A 129 -7.18 13.10 -20.06
N ILE A 130 -7.40 13.86 -21.14
CA ILE A 130 -8.60 14.67 -21.28
C ILE A 130 -9.87 13.84 -21.13
N GLN A 131 -9.90 12.69 -21.80
CA GLN A 131 -11.11 11.88 -21.76
C GLN A 131 -11.29 11.20 -20.39
N ASN A 132 -10.17 10.92 -19.74
CA ASN A 132 -10.19 10.28 -18.43
C ASN A 132 -10.71 11.21 -17.35
N GLN A 133 -10.28 12.47 -17.42
CA GLN A 133 -10.76 13.46 -16.48
C GLN A 133 -12.21 13.84 -16.80
N ALA A 134 -12.52 13.91 -18.10
CA ALA A 134 -13.89 14.09 -18.54
C ALA A 134 -14.82 13.05 -17.92
N SER A 135 -14.39 11.80 -17.95
CA SER A 135 -15.20 10.70 -17.41
C SER A 135 -15.23 10.67 -15.88
N ARG A 136 -14.11 11.04 -15.25
CA ARG A 136 -14.02 11.10 -13.79
C ARG A 136 -14.98 12.14 -13.19
N TYR A 137 -15.14 13.25 -13.89
CA TYR A 137 -15.86 14.39 -13.35
C TYR A 137 -17.30 14.51 -13.88
N GLY A 138 -17.74 13.51 -14.63
CA GLY A 138 -19.11 13.46 -15.09
C GLY A 138 -19.46 14.43 -16.19
N PHE A 139 -18.58 14.54 -17.16
CA PHE A 139 -18.89 15.26 -18.39
C PHE A 139 -19.25 14.28 -19.50
N PHE A 140 -20.30 13.50 -19.27
CA PHE A 140 -20.64 12.37 -20.14
C PHE A 140 -21.12 12.85 -21.51
N GLN A 141 -21.57 14.10 -21.57
CA GLN A 141 -21.92 14.70 -22.85
C GLN A 141 -20.68 15.36 -23.45
N GLY A 142 -19.51 14.96 -22.92
CA GLY A 142 -18.22 15.49 -23.31
C GLY A 142 -17.72 14.99 -24.67
N ARG A 143 -17.46 15.92 -25.57
CA ARG A 143 -17.02 15.55 -26.91
C ARG A 143 -15.67 16.14 -27.34
N PHE A 144 -14.96 15.39 -28.19
CA PHE A 144 -13.80 15.90 -28.91
C PHE A 144 -14.22 16.55 -30.23
N SER A 145 -14.42 17.86 -30.23
CA SER A 145 -14.81 18.58 -31.45
C SER A 145 -13.71 18.49 -32.49
N THR A 146 -12.48 18.29 -32.01
CA THR A 146 -11.29 18.43 -32.85
C THR A 146 -10.13 17.54 -32.36
N GLN A 147 -9.73 16.57 -33.17
CA GLN A 147 -8.63 15.68 -32.78
C GLN A 147 -7.94 15.40 -34.09
N ARG A 148 -7.04 16.32 -34.40
CA ARG A 148 -6.11 16.20 -35.51
C ARG A 148 -4.58 16.18 -35.24
N LEU A 149 -3.92 15.18 -35.81
CA LEU A 149 -2.50 14.96 -35.61
C LEU A 149 -2.04 14.93 -37.06
N SER A 150 -1.05 15.75 -37.42
CA SER A 150 -0.65 15.83 -38.82
C SER A 150 0.84 15.64 -38.79
N ILE A 151 1.31 14.66 -39.55
CA ILE A 151 2.73 14.46 -39.83
C ILE A 151 3.36 14.55 -41.21
N ASP A 152 4.07 15.64 -41.51
CA ASP A 152 4.76 15.72 -42.78
C ASP A 152 6.23 15.43 -42.45
N PRO A 153 6.66 14.18 -42.69
CA PRO A 153 8.02 13.67 -42.39
C PRO A 153 9.04 14.57 -43.06
N ARG A 154 8.71 14.84 -44.32
CA ARG A 154 9.45 15.80 -45.13
C ARG A 154 9.17 17.16 -44.57
N ALA A 155 10.16 18.01 -44.69
CA ALA A 155 10.13 19.37 -44.13
C ALA A 155 9.94 19.31 -42.61
N GLY A 156 9.77 18.09 -42.11
CA GLY A 156 9.79 17.76 -40.69
C GLY A 156 8.88 18.59 -39.82
N ILE A 157 7.59 18.50 -40.09
CA ILE A 157 6.60 19.28 -39.37
C ILE A 157 5.51 18.37 -38.81
N ALA A 158 5.04 18.67 -37.60
CA ALA A 158 3.90 17.96 -37.04
C ALA A 158 3.00 18.96 -36.33
N ASP A 159 1.70 18.85 -36.58
CA ASP A 159 0.75 19.73 -35.92
C ASP A 159 -0.26 18.98 -35.05
N ILE A 160 -0.47 19.48 -33.83
CA ILE A 160 -1.45 18.89 -32.93
C ILE A 160 -2.62 19.83 -32.73
N ASP A 161 -3.83 19.29 -32.82
CA ASP A 161 -5.03 20.05 -32.55
C ASP A 161 -6.03 19.23 -31.75
N LEU A 162 -6.22 19.57 -30.48
CA LEU A 162 -7.20 18.90 -29.65
C LEU A 162 -8.14 19.91 -29.04
N VAL A 163 -9.36 20.00 -29.55
CA VAL A 163 -10.36 20.86 -28.96
C VAL A 163 -11.48 19.96 -28.45
N TYR A 164 -11.72 20.07 -27.14
CA TYR A 164 -12.61 19.16 -26.46
C TYR A 164 -13.78 19.91 -25.82
N ASP A 165 -14.95 19.85 -26.46
CA ASP A 165 -16.17 20.42 -25.90
C ASP A 165 -16.79 19.44 -24.90
N SER A 166 -16.79 19.80 -23.62
CA SER A 166 -17.22 18.88 -22.56
C SER A 166 -18.72 18.91 -22.28
N GLY A 167 -19.42 19.89 -22.83
CA GLY A 167 -20.84 20.03 -22.61
C GLY A 167 -21.16 20.27 -21.14
N GLN A 168 -22.39 20.03 -20.74
CA GLN A 168 -22.75 20.21 -19.34
C GLN A 168 -22.37 19.03 -18.48
N ARG A 169 -22.23 19.29 -17.18
CA ARG A 169 -21.83 18.28 -16.21
C ARG A 169 -23.05 17.64 -15.57
N TYR A 170 -23.11 16.32 -15.55
CA TYR A 170 -24.18 15.60 -14.87
C TYR A 170 -23.93 15.64 -13.36
N THR A 171 -24.91 15.15 -12.60
CA THR A 171 -24.83 15.22 -11.14
C THR A 171 -25.35 13.96 -10.50
N PHE A 172 -25.05 13.78 -9.21
CA PHE A 172 -25.54 12.64 -8.48
C PHE A 172 -27.02 12.79 -8.21
N GLY A 173 -27.78 11.76 -8.56
CA GLY A 173 -29.19 11.70 -8.26
C GLY A 173 -29.42 11.14 -6.87
N LYS A 174 -30.56 10.48 -6.75
CA LYS A 174 -31.03 9.79 -5.57
C LYS A 174 -30.12 8.62 -5.27
N VAL A 175 -29.93 8.28 -4.02
CA VAL A 175 -29.25 7.00 -3.79
C VAL A 175 -30.27 6.00 -3.31
N SER A 176 -30.36 4.87 -4.02
CA SER A 176 -31.37 3.88 -3.63
C SER A 176 -30.73 2.59 -3.14
N PHE A 177 -31.39 2.00 -2.16
CA PHE A 177 -30.91 0.79 -1.50
C PHE A 177 -31.95 -0.30 -1.59
N ASP A 178 -31.58 -1.42 -2.20
CA ASP A 178 -32.46 -2.59 -2.21
C ASP A 178 -31.65 -3.80 -1.82
N GLY A 179 -32.31 -4.83 -1.32
CA GLY A 179 -31.62 -6.02 -0.89
C GLY A 179 -32.10 -6.49 0.47
N ASP A 180 -31.73 -7.72 0.81
CA ASP A 180 -32.24 -8.36 2.03
C ASP A 180 -31.46 -7.92 3.27
N SER A 181 -31.00 -6.68 3.28
CA SER A 181 -30.32 -6.13 4.45
C SER A 181 -31.31 -5.44 5.37
N ILE A 182 -31.18 -5.69 6.67
CA ILE A 182 -32.06 -5.08 7.66
C ILE A 182 -31.50 -3.76 8.15
N ILE A 183 -30.32 -3.40 7.65
CA ILE A 183 -29.70 -2.16 8.04
C ILE A 183 -30.56 -0.98 7.62
N GLU A 184 -30.86 -0.10 8.56
CA GLU A 184 -31.72 1.04 8.31
C GLU A 184 -31.04 1.97 7.32
N GLU A 185 -31.85 2.60 6.47
CA GLU A 185 -31.32 3.47 5.43
C GLU A 185 -30.75 4.71 6.08
N GLU A 186 -31.18 4.96 7.32
CA GLU A 186 -30.60 6.00 8.15
C GLU A 186 -29.09 5.78 8.23
N LEU A 187 -28.68 4.53 8.43
CA LEU A 187 -27.27 4.19 8.55
C LEU A 187 -26.55 4.17 7.21
N LEU A 188 -27.18 3.53 6.23
CA LEU A 188 -26.62 3.38 4.90
C LEU A 188 -26.35 4.72 4.23
N ARG A 189 -27.20 5.70 4.51
CA ARG A 189 -27.04 7.01 3.89
C ARG A 189 -25.92 7.82 4.54
N ARG A 190 -25.59 7.50 5.79
CA ARG A 190 -24.52 8.23 6.47
C ARG A 190 -23.15 7.74 6.03
N MET A 191 -23.12 6.72 5.19
CA MET A 191 -21.87 6.26 4.60
C MET A 191 -21.91 6.41 3.10
N VAL A 192 -22.78 7.30 2.63
CA VAL A 192 -22.70 7.78 1.27
C VAL A 192 -21.82 9.02 1.29
N PRO A 193 -20.66 8.96 0.63
CA PRO A 193 -19.70 10.07 0.65
C PRO A 193 -20.07 11.18 -0.32
N PHE A 194 -21.36 11.40 -0.52
CA PHE A 194 -21.85 12.52 -1.30
C PHE A 194 -23.33 12.75 -1.03
N LYS A 195 -23.75 14.00 -1.21
CA LYS A 195 -25.16 14.36 -1.12
C LYS A 195 -25.72 14.50 -2.54
N ALA A 196 -27.03 14.43 -2.68
CA ALA A 196 -27.67 14.62 -3.98
C ALA A 196 -27.49 16.06 -4.46
N GLY A 197 -27.44 16.25 -5.77
CA GLY A 197 -27.26 17.57 -6.35
C GLY A 197 -25.81 18.02 -6.31
N GLN A 198 -24.94 17.13 -5.83
CA GLN A 198 -23.51 17.38 -5.82
C GLN A 198 -22.85 16.79 -7.08
N PRO A 199 -21.95 17.59 -7.70
CA PRO A 199 -21.14 17.26 -8.87
C PRO A 199 -20.64 15.82 -8.91
N TYR A 200 -20.91 15.13 -10.02
CA TYR A 200 -20.59 13.71 -10.18
C TYR A 200 -19.08 13.46 -10.06
N ASP A 201 -18.73 12.27 -9.55
CA ASP A 201 -17.34 11.87 -9.39
C ASP A 201 -17.25 10.36 -9.25
N SER A 202 -16.72 9.68 -10.26
CA SER A 202 -16.69 8.22 -10.28
C SER A 202 -15.86 7.65 -9.13
N GLU A 203 -14.92 8.43 -8.63
CA GLU A 203 -14.11 8.01 -7.49
C GLU A 203 -14.91 8.07 -6.20
N LEU A 204 -16.00 8.84 -6.21
CA LEU A 204 -16.92 8.89 -5.09
C LEU A 204 -17.86 7.68 -5.08
N ILE A 205 -18.22 7.21 -6.28
CA ILE A 205 -18.97 5.97 -6.44
C ILE A 205 -18.12 4.80 -6.00
N ALA A 206 -16.86 4.82 -6.40
CA ALA A 206 -15.91 3.81 -5.98
C ALA A 206 -15.78 3.86 -4.46
N GLU A 207 -15.68 5.07 -3.91
CA GLU A 207 -15.55 5.24 -2.47
C GLU A 207 -16.76 4.69 -1.73
N LEU A 208 -17.95 4.89 -2.30
CA LEU A 208 -19.18 4.34 -1.72
C LEU A 208 -19.15 2.81 -1.73
N ASN A 209 -18.73 2.24 -2.87
CA ASN A 209 -18.63 0.79 -3.05
C ASN A 209 -17.72 0.20 -1.97
N GLN A 210 -16.52 0.78 -1.87
CA GLN A 210 -15.53 0.28 -0.93
C GLN A 210 -15.99 0.51 0.51
N ASN A 211 -16.75 1.58 0.72
CA ASN A 211 -17.34 1.86 2.03
C ASN A 211 -18.27 0.72 2.44
N LEU A 212 -19.29 0.45 1.62
CA LEU A 212 -20.22 -0.63 1.89
C LEU A 212 -19.52 -1.99 2.04
N GLN A 213 -18.51 -2.24 1.21
CA GLN A 213 -17.75 -3.50 1.29
C GLN A 213 -17.04 -3.61 2.64
N SER A 214 -16.46 -2.50 3.10
CA SER A 214 -15.61 -2.51 4.27
C SER A 214 -16.44 -2.48 5.55
N SER A 215 -17.71 -2.10 5.41
CA SER A 215 -18.63 -2.05 6.55
C SER A 215 -18.83 -3.43 7.16
N GLY A 216 -18.55 -4.45 6.37
CA GLY A 216 -18.69 -5.81 6.83
C GLY A 216 -20.12 -6.31 6.77
N TYR A 217 -21.05 -5.43 6.44
CA TYR A 217 -22.47 -5.74 6.50
C TYR A 217 -22.94 -6.69 5.43
N PHE A 218 -22.17 -6.79 4.35
CA PHE A 218 -22.63 -7.56 3.21
C PHE A 218 -21.59 -8.56 2.74
N GLU A 219 -22.02 -9.51 1.92
CA GLU A 219 -21.10 -10.41 1.26
C GLU A 219 -20.97 -9.89 -0.15
N GLY A 220 -21.91 -9.03 -0.52
CA GLY A 220 -21.90 -8.43 -1.83
C GLY A 220 -22.65 -7.13 -1.98
N VAL A 221 -22.05 -6.23 -2.75
CA VAL A 221 -22.69 -4.96 -3.08
C VAL A 221 -22.59 -4.68 -4.58
N ARG A 222 -23.69 -4.21 -5.15
CA ARG A 222 -23.71 -3.81 -6.55
C ARG A 222 -24.03 -2.33 -6.54
N VAL A 223 -22.95 -1.54 -6.60
CA VAL A 223 -23.03 -0.08 -6.63
C VAL A 223 -22.78 0.35 -8.06
N ASP A 224 -23.90 0.77 -8.74
CA ASP A 224 -23.82 1.15 -10.15
C ASP A 224 -24.64 2.39 -10.46
N ALA A 225 -23.98 3.26 -11.22
CA ALA A 225 -24.50 4.52 -11.66
C ALA A 225 -24.08 4.71 -13.10
N ALA A 226 -24.68 3.93 -13.98
CA ALA A 226 -24.49 4.07 -15.41
C ALA A 226 -25.18 5.32 -15.89
N PRO A 227 -24.57 5.94 -16.98
CA PRO A 227 -25.20 7.22 -17.36
C PRO A 227 -26.33 7.04 -18.37
N THR A 228 -26.83 8.18 -18.86
CA THR A 228 -28.02 8.27 -19.66
C THR A 228 -27.94 9.27 -20.82
N GLN A 229 -28.86 9.17 -21.76
CA GLN A 229 -28.80 9.90 -23.03
C GLN A 229 -29.00 11.40 -22.88
N ALA A 230 -28.67 12.16 -23.90
CA ALA A 230 -28.71 13.62 -23.92
C ALA A 230 -30.09 14.17 -23.60
N ARG A 236 -29.16 19.72 -18.25
CA ARG A 236 -28.86 18.31 -18.46
C ARG A 236 -29.63 17.46 -17.48
N GLN A 237 -29.16 16.25 -17.24
CA GLN A 237 -29.81 15.37 -16.32
C GLN A 237 -29.14 15.28 -14.95
N ALA A 238 -29.45 14.18 -14.31
CA ALA A 238 -29.05 13.79 -12.96
C ALA A 238 -29.04 12.28 -12.81
N ILE A 239 -27.86 11.71 -12.75
CA ILE A 239 -27.71 10.25 -12.73
C ILE A 239 -28.00 9.61 -11.38
N PRO A 240 -29.13 8.88 -11.31
CA PRO A 240 -29.55 8.12 -10.15
C PRO A 240 -28.54 7.02 -9.84
N VAL A 241 -28.37 6.65 -8.58
CA VAL A 241 -27.42 5.61 -8.22
C VAL A 241 -28.15 4.46 -7.57
N ALA A 242 -27.97 3.28 -8.15
CA ALA A 242 -28.61 2.08 -7.66
C ALA A 242 -27.61 1.22 -6.91
N VAL A 243 -27.98 0.95 -5.66
CA VAL A 243 -27.20 0.10 -4.79
C VAL A 243 -28.01 -1.13 -4.38
N ARG A 244 -27.47 -2.32 -4.65
CA ARG A 244 -28.12 -3.52 -4.15
C ARG A 244 -27.18 -4.23 -3.20
N LEU A 245 -27.75 -4.71 -2.10
CA LEU A 245 -26.97 -5.20 -1.00
C LEU A 245 -27.40 -6.63 -0.73
N GLU A 246 -26.45 -7.54 -0.63
CA GLU A 246 -26.79 -8.87 -0.18
C GLU A 246 -26.34 -8.98 1.26
N ALA A 247 -27.30 -9.09 2.17
CA ALA A 247 -26.99 -9.20 3.57
C ALA A 247 -26.03 -10.37 3.68
N ARG A 248 -24.97 -10.19 4.45
CA ARG A 248 -24.01 -11.26 4.63
C ARG A 248 -24.66 -12.33 5.48
N LYS A 249 -24.16 -13.55 5.38
CA LYS A 249 -24.56 -14.61 6.29
C LYS A 249 -24.29 -14.06 7.68
N PRO A 250 -25.31 -14.13 8.56
CA PRO A 250 -25.35 -13.49 9.89
C PRO A 250 -24.19 -13.87 10.80
N ARG A 251 -23.65 -15.07 10.67
CA ARG A 251 -22.52 -15.47 11.49
C ARG A 251 -21.46 -16.03 10.57
N THR A 252 -20.44 -15.23 10.28
CA THR A 252 -19.37 -15.73 9.43
C THR A 252 -18.17 -16.21 10.25
N MET A 253 -17.55 -17.28 9.75
CA MET A 253 -16.39 -17.89 10.39
C MET A 253 -15.19 -17.74 9.46
N GLY A 254 -14.00 -17.58 10.04
CA GLY A 254 -12.79 -17.53 9.25
C GLY A 254 -11.60 -18.11 9.98
N VAL A 255 -10.74 -18.77 9.21
CA VAL A 255 -9.55 -19.41 9.75
C VAL A 255 -8.37 -19.05 8.86
N GLY A 256 -7.23 -18.80 9.48
CA GLY A 256 -6.03 -18.48 8.75
C GLY A 256 -4.83 -19.19 9.33
N LEU A 257 -3.88 -19.56 8.47
CA LEU A 257 -2.63 -20.10 8.96
C LEU A 257 -1.53 -19.12 8.58
N GLY A 258 -0.50 -19.07 9.42
CA GLY A 258 0.63 -18.20 9.19
C GLY A 258 1.89 -18.68 9.86
N PHE A 259 3.01 -18.07 9.50
CA PHE A 259 4.27 -18.39 10.14
C PHE A 259 5.14 -17.15 10.30
N SER A 260 6.10 -17.24 11.23
CA SER A 260 6.98 -16.15 11.56
C SER A 260 8.19 -16.77 12.24
N THR A 261 9.34 -16.14 12.13
CA THR A 261 10.50 -16.51 12.92
C THR A 261 10.28 -16.07 14.36
N ASP A 262 9.50 -14.99 14.50
CA ASP A 262 9.20 -14.38 15.79
C ASP A 262 8.41 -15.34 16.66
N VAL A 263 7.29 -15.83 16.15
CA VAL A 263 6.42 -16.64 17.00
C VAL A 263 6.27 -18.07 16.47
N GLY A 264 6.70 -18.32 15.24
CA GLY A 264 6.62 -19.68 14.73
C GLY A 264 5.32 -19.93 14.00
N ALA A 265 4.89 -21.19 14.01
CA ALA A 265 3.62 -21.58 13.43
C ALA A 265 2.50 -20.83 14.14
N ARG A 266 1.47 -20.46 13.40
CA ARG A 266 0.41 -19.60 13.92
C ARG A 266 -0.94 -19.90 13.33
N ALA A 267 -1.99 -19.88 14.14
CA ALA A 267 -3.34 -20.07 13.64
C ALA A 267 -4.22 -18.93 14.12
N ARG A 268 -4.98 -18.33 13.20
CA ARG A 268 -5.88 -17.24 13.57
C ARG A 268 -7.34 -17.55 13.22
N PHE A 269 -8.25 -17.31 14.15
CA PHE A 269 -9.65 -17.60 13.88
C PHE A 269 -10.48 -16.40 14.24
N ASN A 270 -11.55 -16.18 13.50
CA ASN A 270 -12.48 -15.15 13.86
C ASN A 270 -13.88 -15.65 13.60
N TRP A 271 -14.83 -15.27 14.43
CA TRP A 271 -16.22 -15.62 14.18
C TRP A 271 -16.96 -14.31 14.49
N THR A 272 -17.41 -13.69 13.40
CA THR A 272 -17.96 -12.34 13.42
C THR A 272 -19.45 -12.33 13.06
N ARG A 273 -20.17 -11.46 13.74
CA ARG A 273 -21.52 -11.13 13.41
C ARG A 273 -21.39 -9.74 12.95
N HIS A 274 -21.76 -9.50 11.72
CA HIS A 274 -21.54 -8.21 11.09
C HIS A 274 -22.71 -7.25 11.21
N TRP A 275 -23.87 -7.79 11.57
CA TRP A 275 -25.00 -6.95 11.95
C TRP A 275 -25.92 -7.68 12.91
N VAL A 276 -26.14 -7.03 14.05
CA VAL A 276 -26.92 -7.57 15.15
C VAL A 276 -28.33 -6.98 15.09
N ASN A 277 -28.40 -5.74 14.60
CA ASN A 277 -29.65 -4.99 14.60
C ASN A 277 -29.67 -3.96 13.49
N ALA A 278 -30.81 -3.28 13.34
CA ALA A 278 -31.00 -2.32 12.26
C ALA A 278 -30.10 -1.10 12.40
N GLU A 279 -29.60 -0.84 13.61
CA GLU A 279 -28.79 0.36 13.83
C GLU A 279 -27.32 0.10 13.50
N GLY A 280 -27.01 -1.11 13.04
CA GLY A 280 -25.71 -1.41 12.48
C GLY A 280 -24.64 -1.80 13.47
N HIS A 281 -25.06 -2.26 14.64
CA HIS A 281 -24.12 -2.71 15.65
C HIS A 281 -23.40 -3.96 15.18
N SER A 282 -22.18 -4.15 15.66
CA SER A 282 -21.39 -5.29 15.23
C SER A 282 -20.86 -6.09 16.40
N LEU A 283 -20.89 -7.41 16.25
CA LEU A 283 -20.41 -8.30 17.29
C LEU A 283 -19.24 -9.07 16.70
N GLY A 284 -18.29 -9.46 17.55
CA GLY A 284 -17.19 -10.24 17.07
C GLY A 284 -16.41 -11.01 18.11
N PHE A 285 -15.80 -12.10 17.67
CA PHE A 285 -14.95 -12.89 18.53
C PHE A 285 -13.74 -13.26 17.69
N GLU A 286 -12.59 -13.40 18.33
CA GLU A 286 -11.37 -13.77 17.60
C GLU A 286 -10.33 -14.36 18.55
N SER A 287 -9.50 -15.24 18.03
CA SER A 287 -8.46 -15.87 18.82
C SER A 287 -7.26 -16.20 17.94
N GLU A 288 -6.09 -16.33 18.57
CA GLU A 288 -4.91 -16.77 17.85
C GLU A 288 -4.04 -17.66 18.70
N ILE A 289 -3.60 -18.76 18.10
CA ILE A 289 -2.79 -19.75 18.79
C ILE A 289 -1.43 -19.90 18.13
N SER A 290 -0.40 -19.67 18.93
CA SER A 290 0.97 -19.97 18.55
C SER A 290 1.66 -20.54 19.77
N ALA A 291 2.68 -21.35 19.57
CA ALA A 291 3.42 -21.95 20.67
C ALA A 291 3.83 -20.95 21.75
N PRO A 292 4.38 -19.78 21.35
CA PRO A 292 4.77 -18.90 22.45
C PRO A 292 3.66 -17.94 22.92
N ARG A 293 2.53 -17.92 22.23
CA ARG A 293 1.47 -16.97 22.60
C ARG A 293 0.10 -17.36 22.11
N GLN A 294 -0.85 -17.36 23.03
CA GLN A 294 -2.23 -17.70 22.74
C GLN A 294 -3.13 -16.60 23.26
N ASN A 295 -4.05 -16.10 22.46
CA ASN A 295 -5.01 -15.17 23.01
C ASN A 295 -6.42 -15.28 22.45
N VAL A 296 -7.37 -14.78 23.24
CA VAL A 296 -8.78 -14.82 22.93
C VAL A 296 -9.33 -13.43 23.22
N GLY A 297 -10.21 -12.96 22.34
CA GLY A 297 -10.79 -11.64 22.47
C GLY A 297 -12.22 -11.58 21.98
N ALA A 298 -12.99 -10.66 22.54
CA ALA A 298 -14.35 -10.42 22.07
C ALA A 298 -14.50 -8.92 21.90
N TRP A 299 -15.44 -8.50 21.05
CA TRP A 299 -15.63 -7.08 20.78
C TRP A 299 -17.04 -6.73 20.31
N TYR A 300 -17.41 -5.47 20.57
CA TYR A 300 -18.69 -4.94 20.14
C TYR A 300 -18.41 -3.57 19.54
N GLU A 301 -19.03 -3.27 18.40
CA GLU A 301 -18.82 -1.98 17.73
C GLU A 301 -20.12 -1.26 17.46
N ILE A 302 -20.11 0.05 17.64
CA ILE A 302 -21.26 0.89 17.37
C ILE A 302 -20.81 1.99 16.41
N PRO A 303 -21.31 1.96 15.17
CA PRO A 303 -20.96 3.04 14.23
C PRO A 303 -21.46 4.40 14.66
N LEU A 304 -20.60 5.40 14.68
CA LEU A 304 -21.04 6.76 14.97
C LEU A 304 -21.31 7.45 13.65
N ASP A 305 -20.58 8.53 13.36
CA ASP A 305 -20.79 9.21 12.09
C ASP A 305 -19.57 10.05 11.66
N PRO A 306 -18.98 9.73 10.49
CA PRO A 306 -19.30 8.64 9.56
C PRO A 306 -19.02 7.27 10.17
N PRO A 307 -19.92 6.30 9.92
CA PRO A 307 -19.92 4.96 10.50
C PRO A 307 -18.59 4.22 10.39
N LEU A 308 -17.85 4.53 9.34
CA LEU A 308 -16.67 3.74 9.01
C LEU A 308 -15.39 4.29 9.61
N THR A 309 -15.32 5.61 9.82
CA THR A 309 -14.08 6.20 10.32
C THR A 309 -14.28 6.69 11.75
N ASP A 310 -15.53 6.68 12.22
CA ASP A 310 -15.87 7.09 13.57
C ASP A 310 -16.69 5.97 14.18
N LYS A 311 -16.28 5.47 15.35
CA LYS A 311 -17.01 4.35 15.94
C LYS A 311 -16.68 4.13 17.41
N LEU A 312 -17.54 3.44 18.13
CA LEU A 312 -17.19 2.97 19.47
C LEU A 312 -16.82 1.50 19.37
N ARG A 313 -15.77 1.09 20.08
CA ARG A 313 -15.38 -0.31 20.12
C ARG A 313 -15.12 -0.76 21.55
N PHE A 314 -15.96 -1.64 22.06
CA PHE A 314 -15.74 -2.26 23.35
C PHE A 314 -15.04 -3.59 23.13
N THR A 315 -14.11 -3.93 24.01
CA THR A 315 -13.30 -5.13 23.84
C THR A 315 -13.06 -5.82 25.19
N SER A 316 -12.90 -7.14 25.15
CA SER A 316 -12.35 -7.85 26.30
C SER A 316 -11.37 -8.88 25.78
N GLY A 317 -10.45 -9.30 26.62
CA GLY A 317 -9.43 -10.24 26.20
C GLY A 317 -8.69 -11.00 27.27
N TYR A 318 -8.20 -12.16 26.90
CA TYR A 318 -7.31 -12.94 27.73
C TYR A 318 -6.14 -13.33 26.86
N GLN A 319 -4.93 -13.35 27.41
CA GLN A 319 -3.76 -13.71 26.64
C GLN A 319 -2.69 -14.37 27.49
N PHE A 320 -2.23 -15.53 27.07
CA PHE A 320 -1.07 -16.17 27.67
C PHE A 320 0.15 -16.02 26.77
N GLU A 321 1.28 -15.85 27.38
CA GLU A 321 2.55 -15.63 26.68
C GLU A 321 3.71 -16.23 27.47
N ASP A 322 4.49 -17.09 26.81
CA ASP A 322 5.75 -17.57 27.37
C ASP A 322 6.87 -17.25 26.39
N LEU A 323 7.63 -16.22 26.71
CA LEU A 323 8.78 -15.85 25.90
C LEU A 323 10.04 -15.98 26.69
N VAL A 324 11.07 -15.27 26.30
CA VAL A 324 12.41 -15.75 26.48
C VAL A 324 12.72 -16.07 27.93
N ASP A 325 12.39 -15.18 28.82
CA ASP A 325 12.52 -15.41 30.24
C ASP A 325 11.33 -14.86 31.02
N THR A 326 10.32 -14.59 30.33
CA THR A 326 9.10 -14.08 30.98
C THR A 326 7.83 -14.88 30.63
N GLU A 327 6.89 -14.98 31.59
CA GLU A 327 5.54 -15.51 31.34
C GLU A 327 4.43 -14.52 31.77
N SER A 328 3.27 -14.54 31.11
CA SER A 328 2.17 -13.65 31.50
C SER A 328 0.78 -14.12 31.06
N LYS A 329 -0.15 -14.13 32.01
CA LYS A 329 -1.57 -14.26 31.74
C LYS A 329 -2.15 -12.87 31.94
N LEU A 330 -2.75 -12.35 30.88
CA LEU A 330 -3.19 -10.95 30.84
C LEU A 330 -4.67 -10.89 30.54
N LEU A 331 -5.40 -10.20 31.41
CA LEU A 331 -6.83 -10.01 31.22
C LEU A 331 -7.07 -8.52 31.00
N THR A 332 -7.97 -8.22 30.07
CA THR A 332 -8.22 -6.83 29.69
C THR A 332 -9.68 -6.54 29.34
N LEU A 333 -10.15 -5.36 29.73
CA LEU A 333 -11.43 -4.85 29.24
C LEU A 333 -11.18 -3.43 28.76
N GLY A 334 -11.97 -2.97 27.79
CA GLY A 334 -11.69 -1.65 27.23
C GLY A 334 -12.80 -1.03 26.43
N GLY A 335 -12.83 0.29 26.43
CA GLY A 335 -13.72 1.08 25.60
C GLY A 335 -12.92 2.02 24.72
N GLU A 336 -13.27 2.09 23.44
CA GLU A 336 -12.54 2.92 22.50
C GLU A 336 -13.48 3.81 21.68
N TRP A 337 -13.00 5.02 21.38
CA TRP A 337 -13.73 5.99 20.58
C TRP A 337 -12.87 6.45 19.40
N HIS A 338 -13.19 5.96 18.21
CA HIS A 338 -12.44 6.29 17.01
C HIS A 338 -13.13 7.50 16.37
N SER A 339 -12.33 8.49 15.97
CA SER A 339 -12.78 9.62 15.17
C SER A 339 -11.70 10.04 14.17
N LYS A 340 -12.04 10.28 12.91
CA LYS A 340 -11.01 10.67 11.95
C LYS A 340 -11.32 12.01 11.27
N ARG A 341 -10.34 12.92 11.28
CA ARG A 341 -10.47 14.24 10.65
C ARG A 341 -10.10 14.16 9.15
N PRO A 342 -10.52 15.18 8.35
CA PRO A 342 -10.27 15.11 6.89
C PRO A 342 -8.81 14.93 6.45
N ASP A 343 -7.86 15.28 7.30
CA ASP A 343 -6.44 15.01 7.04
C ASP A 343 -6.26 13.53 6.73
N GLY A 344 -6.86 12.71 7.60
CA GLY A 344 -6.60 11.28 7.64
C GLY A 344 -6.18 10.93 9.06
N TRP A 345 -6.05 11.95 9.89
CA TRP A 345 -5.70 11.75 11.28
C TRP A 345 -6.81 11.05 12.05
N GLN A 346 -6.61 9.78 12.40
CA GLN A 346 -7.59 9.10 13.23
C GLN A 346 -7.15 9.08 14.70
N ARG A 347 -7.95 9.71 15.55
CA ARG A 347 -7.79 9.64 17.00
C ARG A 347 -8.58 8.49 17.61
N VAL A 348 -8.01 7.87 18.63
CA VAL A 348 -8.71 6.85 19.39
C VAL A 348 -8.57 7.22 20.85
N VAL A 349 -9.69 7.53 21.48
CA VAL A 349 -9.71 7.81 22.91
C VAL A 349 -10.17 6.56 23.62
N SER A 350 -9.37 6.09 24.57
CA SER A 350 -9.60 4.78 25.18
C SER A 350 -9.62 4.85 26.68
N LEU A 351 -10.35 3.90 27.25
CA LEU A 351 -10.29 3.61 28.68
C LEU A 351 -10.12 2.10 28.82
N ASN A 352 -8.94 1.69 29.25
CA ASN A 352 -8.61 0.28 29.33
C ASN A 352 -8.26 -0.15 30.75
N TRP A 353 -8.86 -1.25 31.19
CA TRP A 353 -8.49 -1.88 32.44
C TRP A 353 -7.77 -3.19 32.17
N MET A 354 -6.68 -3.44 32.88
CA MET A 354 -5.89 -4.66 32.72
C MET A 354 -5.39 -5.27 34.02
N ARG A 355 -5.39 -6.59 34.14
CA ARG A 355 -4.77 -7.25 35.28
C ARG A 355 -3.79 -8.22 34.67
N GLU A 356 -2.58 -8.26 35.18
CA GLU A 356 -1.56 -9.14 34.66
C GLU A 356 -0.88 -9.98 35.72
N GLU A 357 -0.97 -11.28 35.52
CA GLU A 357 -0.28 -12.29 36.31
C GLU A 357 0.99 -12.60 35.53
N TYR A 358 2.16 -12.39 36.12
CA TYR A 358 3.39 -12.56 35.34
C TYR A 358 4.56 -13.12 36.12
N LYS A 359 5.51 -13.71 35.40
CA LYS A 359 6.76 -14.15 35.99
C LYS A 359 7.91 -13.57 35.18
N LEU A 360 8.61 -12.61 35.79
CA LEU A 360 9.82 -11.99 35.25
C LEU A 360 11.07 -12.66 35.80
N GLY A 361 11.79 -13.39 34.96
CA GLY A 361 12.86 -14.24 35.45
C GLY A 361 12.27 -15.25 36.41
N ASP A 362 12.69 -15.19 37.66
CA ASP A 362 12.16 -16.12 38.66
C ASP A 362 11.22 -15.41 39.63
N ASP A 363 11.03 -14.11 39.41
CA ASP A 363 10.16 -13.30 40.27
C ASP A 363 8.71 -13.18 39.77
N SER A 364 7.77 -13.70 40.56
CA SER A 364 6.35 -13.69 40.17
C SER A 364 5.61 -12.46 40.71
N GLY A 365 4.93 -11.76 39.82
CA GLY A 365 4.12 -10.61 40.18
C GLY A 365 2.67 -10.66 39.70
N LEU A 366 1.84 -9.81 40.29
CA LEU A 366 0.47 -9.59 39.82
C LEU A 366 0.12 -8.13 40.00
N SER A 367 -0.20 -7.43 38.92
CA SER A 367 -0.62 -6.04 39.07
C SER A 367 -1.74 -5.61 38.13
N SER A 368 -2.41 -4.52 38.47
CA SER A 368 -3.61 -4.13 37.75
C SER A 368 -3.62 -2.63 37.56
N PHE A 369 -4.16 -2.19 36.43
CA PHE A 369 -4.20 -0.78 36.10
C PHE A 369 -5.47 -0.42 35.36
N LEU A 370 -6.06 0.70 35.73
CA LEU A 370 -7.08 1.34 34.93
C LEU A 370 -6.46 2.58 34.32
N MET A 371 -6.31 2.59 33.00
CA MET A 371 -5.61 3.67 32.33
C MET A 371 -6.42 4.26 31.19
N PRO A 372 -6.53 5.58 31.17
CA PRO A 372 -7.05 6.25 29.97
C PRO A 372 -5.89 6.42 28.98
N GLY A 373 -6.23 6.46 27.71
CA GLY A 373 -5.22 6.62 26.69
C GLY A 373 -5.77 7.40 25.52
N ILE A 374 -4.88 8.06 24.81
CA ILE A 374 -5.20 8.64 23.53
C ILE A 374 -4.16 8.28 22.48
N GLY A 375 -4.65 7.97 21.28
CA GLY A 375 -3.80 7.62 20.16
C GLY A 375 -4.13 8.40 18.90
N TYR A 376 -3.12 8.62 18.06
CA TYR A 376 -3.31 9.18 16.73
C TYR A 376 -2.64 8.30 15.67
N SER A 377 -3.33 8.12 14.55
CA SER A 377 -2.82 7.32 13.43
C SER A 377 -2.96 8.07 12.12
N LEU A 378 -2.07 7.76 11.19
CA LEU A 378 -2.11 8.31 9.84
C LEU A 378 -1.51 7.31 8.85
N LEU A 379 -2.25 7.05 7.78
CA LEU A 379 -1.81 6.11 6.75
C LEU A 379 -2.05 6.70 5.36
N GLU A 380 -0.96 6.86 4.61
CA GLU A 380 -1.00 7.51 3.30
C GLU A 380 -0.25 6.62 2.34
N THR A 381 -0.97 5.97 1.43
CA THR A 381 -0.38 4.99 0.51
C THR A 381 -0.90 5.14 -0.90
N ASP A 382 -0.12 4.61 -1.83
CA ASP A 382 -0.52 4.44 -3.21
C ASP A 382 -1.66 3.43 -3.38
N ASN A 383 -1.57 2.25 -2.62
CA ASN A 383 -2.75 1.39 -2.36
C ASN A 383 -2.50 -0.09 -2.11
N LYS A 384 -2.79 -0.50 -0.87
CA LYS A 384 -3.20 -1.85 -0.52
C LYS A 384 -2.14 -2.96 -0.69
N VAL A 385 -2.37 -3.78 -1.71
CA VAL A 385 -1.36 -4.67 -2.21
C VAL A 385 -0.33 -3.70 -2.74
N ASP A 386 0.91 -4.14 -2.90
CA ASP A 386 2.07 -3.31 -2.65
C ASP A 386 1.96 -1.98 -3.33
N PRO A 387 2.27 -0.90 -2.48
CA PRO A 387 2.07 0.41 -3.10
C PRO A 387 3.38 1.01 -3.57
N SER A 388 3.27 2.00 -4.43
CA SER A 388 4.44 2.67 -4.98
C SER A 388 5.24 3.36 -3.90
N HIS A 389 4.56 3.96 -2.94
CA HIS A 389 5.26 4.78 -1.95
C HIS A 389 4.24 5.20 -0.89
N GLY A 390 4.64 5.39 0.35
CA GLY A 390 3.67 5.66 1.37
C GLY A 390 4.31 5.90 2.73
N TYR A 391 3.47 6.13 3.68
CA TYR A 391 3.93 6.15 5.07
C TYR A 391 2.83 5.92 6.11
N ARG A 392 3.27 5.52 7.29
CA ARG A 392 2.42 5.29 8.45
C ARG A 392 2.98 6.00 9.68
N LEU A 393 2.14 6.77 10.36
CA LEU A 393 2.54 7.43 11.60
C LEU A 393 1.61 6.96 12.71
N GLN A 394 2.19 6.55 13.83
CA GLN A 394 1.39 6.05 14.94
C GLN A 394 1.91 6.57 16.28
N PHE A 395 1.01 7.15 17.07
CA PHE A 395 1.35 7.70 18.38
C PHE A 395 0.33 7.24 19.42
N ASN A 396 0.79 6.78 20.57
CA ASN A 396 -0.13 6.27 21.58
C ASN A 396 0.37 6.46 23.01
N VAL A 397 -0.44 7.15 23.80
CA VAL A 397 -0.13 7.41 25.21
C VAL A 397 -1.21 6.93 26.15
N LYS A 398 -0.83 6.18 27.17
CA LYS A 398 -1.80 5.80 28.20
C LYS A 398 -1.15 5.98 29.56
N GLY A 399 -1.97 6.13 30.62
CA GLY A 399 -1.41 6.41 31.94
C GLY A 399 -2.28 6.08 33.13
N ALA A 400 -1.68 5.92 34.32
CA ALA A 400 -2.44 5.56 35.52
C ALA A 400 -1.89 6.20 36.81
N LYS A 401 -2.81 6.43 37.74
CA LYS A 401 -2.55 7.00 39.06
C LYS A 401 -2.80 5.91 40.08
N GLU A 402 -1.77 5.49 40.81
CA GLU A 402 -1.97 4.45 41.83
C GLU A 402 -2.92 4.89 42.92
N GLY A 403 -3.70 3.93 43.41
CA GLY A 403 -4.80 4.25 44.28
C GLY A 403 -6.08 4.30 43.47
N LEU A 404 -5.99 5.04 42.37
CA LEU A 404 -7.07 5.21 41.42
C LEU A 404 -7.11 4.03 40.44
N LEU A 405 -7.42 2.86 41.00
CA LEU A 405 -7.50 1.61 40.25
C LEU A 405 -6.19 1.34 39.52
N ALA A 406 -5.08 1.45 40.24
CA ALA A 406 -3.77 1.23 39.66
C ALA A 406 -2.79 0.81 40.74
N ASP A 407 -2.02 -0.25 40.49
CA ASP A 407 -1.08 -0.73 41.49
C ASP A 407 0.17 0.15 41.52
N ALA A 408 0.28 1.04 40.53
CA ALA A 408 1.41 1.96 40.40
C ALA A 408 1.04 3.15 39.50
N ASP A 409 1.90 4.18 39.50
CA ASP A 409 1.73 5.29 38.57
C ASP A 409 2.40 4.95 37.25
N VAL A 410 1.78 5.34 36.16
CA VAL A 410 2.21 4.95 34.83
C VAL A 410 2.05 6.07 33.81
N LEU A 411 3.09 6.27 33.02
CA LEU A 411 3.01 7.06 31.81
C LEU A 411 3.69 6.30 30.69
N HIS A 412 2.88 5.58 29.94
CA HIS A 412 3.33 4.73 28.85
C HIS A 412 3.15 5.49 27.54
N VAL A 413 4.21 5.49 26.74
CA VAL A 413 4.26 6.16 25.45
C VAL A 413 4.88 5.23 24.41
N ASP A 414 4.19 5.03 23.28
CA ASP A 414 4.78 4.31 22.16
C ASP A 414 4.50 5.00 20.81
N ALA A 415 5.51 5.01 19.94
CA ALA A 415 5.44 5.71 18.66
C ALA A 415 6.13 4.94 17.54
N MET A 416 5.50 4.91 16.37
CA MET A 416 6.09 4.27 15.19
C MET A 416 5.98 5.16 13.96
N ALA A 417 6.99 5.08 13.10
CA ALA A 417 6.96 5.72 11.79
C ALA A 417 7.49 4.77 10.73
N LYS A 418 6.68 4.50 9.72
CA LYS A 418 7.08 3.66 8.60
C LYS A 418 7.02 4.47 7.30
N GLY A 419 7.94 4.23 6.39
CA GLY A 419 7.96 4.94 5.11
C GLY A 419 8.51 4.13 3.97
N LEU A 420 7.95 4.32 2.78
CA LEU A 420 8.44 3.69 1.54
C LEU A 420 8.42 4.61 0.34
N THR A 421 9.49 4.62 -0.46
CA THR A 421 9.49 5.40 -1.70
C THR A 421 9.99 4.58 -2.87
N SER A 422 9.38 4.76 -4.04
CA SER A 422 9.97 4.19 -5.24
C SER A 422 10.57 5.31 -6.09
N PHE A 423 11.78 5.06 -6.59
CA PHE A 423 12.44 5.99 -7.49
C PHE A 423 13.19 5.22 -8.57
N ALA A 424 13.60 5.94 -9.62
CA ALA A 424 14.18 5.33 -10.81
C ALA A 424 13.27 4.25 -11.37
N GLY A 425 13.86 3.16 -11.85
CA GLY A 425 13.09 2.10 -12.48
C GLY A 425 12.52 1.07 -11.52
N GLY A 426 12.10 1.53 -10.34
CA GLY A 426 11.51 0.65 -9.36
C GLY A 426 12.37 0.33 -8.17
N HIS A 427 13.42 1.12 -7.95
CA HIS A 427 14.22 0.95 -6.75
C HIS A 427 13.46 1.51 -5.55
N ARG A 428 13.32 0.69 -4.50
CA ARG A 428 12.55 1.09 -3.32
C ARG A 428 13.45 1.42 -2.14
N LEU A 429 13.01 2.37 -1.32
CA LEU A 429 13.65 2.64 -0.06
C LEU A 429 12.63 2.55 1.08
N LEU A 430 12.99 1.76 2.09
CA LEU A 430 12.18 1.51 3.27
C LEU A 430 12.78 2.07 4.55
N GLY A 431 11.96 2.78 5.32
CA GLY A 431 12.40 3.36 6.57
C GLY A 431 11.48 3.02 7.74
N ARG A 432 12.09 2.80 8.89
CA ARG A 432 11.38 2.28 10.06
C ARG A 432 11.95 2.91 11.31
N LEU A 433 11.10 3.53 12.12
CA LEU A 433 11.53 3.94 13.44
C LEU A 433 10.44 3.63 14.45
N GLN A 434 10.86 3.16 15.62
CA GLN A 434 9.95 2.88 16.70
C GLN A 434 10.59 3.26 18.03
N VAL A 435 9.81 3.92 18.88
CA VAL A 435 10.31 4.37 20.18
C VAL A 435 9.26 4.07 21.26
N GLY A 436 9.73 3.77 22.46
CA GLY A 436 8.84 3.45 23.56
C GLY A 436 9.46 3.87 24.87
N GLY A 437 8.60 4.28 25.81
CA GLY A 437 9.07 4.69 27.12
C GLY A 437 7.98 4.59 28.16
N ILE A 438 8.33 4.14 29.36
CA ILE A 438 7.37 4.14 30.45
C ILE A 438 7.98 4.86 31.64
N ALA A 439 7.23 5.84 32.14
CA ALA A 439 7.57 6.57 33.35
C ALA A 439 6.74 6.02 34.50
N THR A 440 7.39 5.84 35.65
CA THR A 440 6.71 5.29 36.82
C THR A 440 7.43 5.57 38.12
N ASN A 441 6.68 5.48 39.22
CA ASN A 441 7.29 5.58 40.54
C ASN A 441 7.33 4.21 41.21
N ASP A 442 7.08 3.17 40.41
CA ASP A 442 7.14 1.80 40.91
C ASP A 442 7.38 0.81 39.77
N TYR A 443 8.61 0.75 39.27
CA TYR A 443 8.96 -0.08 38.12
C TYR A 443 8.73 -1.58 38.33
N LYS A 444 8.93 -2.06 39.57
CA LYS A 444 8.73 -3.47 39.88
C LYS A 444 7.27 -3.89 39.70
N SER A 445 6.35 -2.95 39.93
CA SER A 445 4.93 -3.21 39.77
C SER A 445 4.55 -3.23 38.30
N ILE A 446 5.49 -2.85 37.44
CA ILE A 446 5.24 -2.76 36.01
C ILE A 446 5.36 -4.13 35.35
N PRO A 447 4.24 -4.63 34.84
CA PRO A 447 4.13 -5.93 34.19
C PRO A 447 4.74 -5.90 32.80
N PRO A 448 5.10 -7.08 32.25
CA PRO A 448 5.78 -7.20 30.96
C PRO A 448 5.11 -6.37 29.88
N SER A 449 3.78 -6.42 29.80
CA SER A 449 3.03 -5.71 28.76
C SER A 449 3.31 -4.21 28.73
N LEU A 450 3.80 -3.67 29.85
CA LEU A 450 4.05 -2.25 29.92
C LEU A 450 5.54 -1.99 29.78
N ARG A 451 6.32 -3.06 29.81
CA ARG A 451 7.75 -2.93 29.58
C ARG A 451 8.03 -3.07 28.08
N PHE A 452 9.28 -2.81 27.70
CA PHE A 452 9.66 -2.84 26.30
C PHE A 452 10.73 -3.87 25.96
N PHE A 453 10.58 -4.48 24.79
CA PHE A 453 11.50 -5.51 24.31
C PHE A 453 11.84 -5.22 22.85
N ALA A 454 12.90 -5.83 22.34
CA ALA A 454 13.31 -5.57 20.97
C ALA A 454 13.97 -6.76 20.32
N GLY A 455 14.18 -6.65 19.01
CA GLY A 455 14.71 -7.73 18.21
C GLY A 455 13.59 -8.48 17.55
N GLY A 456 13.87 -9.05 16.38
CA GLY A 456 12.85 -9.79 15.65
C GLY A 456 12.67 -9.28 14.25
N ASP A 457 11.73 -9.89 13.54
CA ASP A 457 11.47 -9.59 12.13
C ASP A 457 11.10 -8.13 11.93
N GLN A 458 10.29 -7.59 12.83
CA GLN A 458 9.78 -6.23 12.69
C GLN A 458 10.44 -5.24 13.64
N SER A 459 11.62 -5.58 14.14
CA SER A 459 12.24 -4.78 15.18
C SER A 459 13.73 -4.54 14.88
N VAL A 460 14.57 -5.49 15.28
CA VAL A 460 15.98 -5.48 14.92
C VAL A 460 16.44 -6.84 14.41
N ARG A 461 16.44 -7.01 13.09
CA ARG A 461 16.79 -8.31 12.52
C ARG A 461 18.25 -8.63 12.81
N GLY A 462 18.55 -9.93 12.90
CA GLY A 462 19.84 -10.40 13.36
C GLY A 462 19.67 -10.91 14.77
N TYR A 463 18.56 -10.53 15.38
CA TYR A 463 18.28 -10.87 16.77
C TYR A 463 16.90 -11.50 16.88
N ASP A 464 16.76 -12.48 17.76
CA ASP A 464 15.49 -13.18 17.90
C ASP A 464 14.45 -12.27 18.54
N TYR A 465 13.18 -12.65 18.40
CA TYR A 465 12.06 -11.84 18.85
C TYR A 465 12.10 -11.52 20.34
N ARG A 466 12.06 -10.23 20.67
CA ARG A 466 11.95 -9.74 22.04
C ARG A 466 13.09 -10.17 22.96
N THR A 467 14.25 -10.43 22.37
CA THR A 467 15.41 -10.87 23.15
C THR A 467 16.31 -9.71 23.51
N LEU A 468 16.21 -8.61 22.75
CA LEU A 468 16.95 -7.40 23.09
C LEU A 468 16.29 -6.68 24.26
N SER A 469 16.88 -6.86 25.44
CA SER A 469 16.27 -6.42 26.68
C SER A 469 17.30 -6.44 27.83
N PRO A 470 17.12 -5.56 28.82
CA PRO A 470 17.89 -5.56 30.07
C PRO A 470 17.81 -6.89 30.81
N GLU A 471 18.85 -7.25 31.55
CA GLU A 471 18.83 -8.48 32.33
C GLU A 471 19.07 -8.27 33.83
N ASN A 472 18.58 -9.21 34.63
CA ASN A 472 18.73 -9.14 36.09
C ASN A 472 19.97 -9.87 36.58
N SER A 473 20.12 -9.94 37.90
CA SER A 473 21.27 -10.56 38.56
C SER A 473 21.68 -11.89 37.92
N ASP A 474 20.68 -12.71 37.60
CA ASP A 474 20.92 -14.09 37.15
C ASP A 474 20.95 -14.26 35.63
N GLY A 475 20.78 -13.17 34.90
CA GLY A 475 20.94 -13.19 33.46
C GLY A 475 19.66 -13.42 32.67
N ASP A 476 18.52 -13.11 33.30
CA ASP A 476 17.22 -13.28 32.65
C ASP A 476 16.72 -11.95 32.07
N LYS A 477 16.20 -12.01 30.84
CA LYS A 477 15.70 -10.83 30.11
C LYS A 477 14.35 -10.32 30.62
N ILE A 478 14.35 -9.17 31.28
CA ILE A 478 13.20 -8.77 32.09
C ILE A 478 12.41 -7.59 31.48
N GLY A 479 13.02 -6.87 30.54
CA GLY A 479 12.31 -5.77 29.92
C GLY A 479 12.90 -4.39 30.17
N GLY A 480 12.82 -3.51 29.19
CA GLY A 480 13.37 -2.18 29.30
C GLY A 480 12.35 -1.12 29.66
N ARG A 481 12.80 -0.05 30.31
CA ARG A 481 11.92 1.10 30.54
C ARG A 481 11.69 1.84 29.23
N TYR A 482 12.67 1.87 28.34
CA TYR A 482 12.53 2.51 27.03
C TYR A 482 13.11 1.62 25.97
N MET A 483 12.74 1.82 24.72
CA MET A 483 13.42 1.15 23.63
C MET A 483 13.35 1.92 22.32
N ILE A 484 14.33 1.75 21.46
CA ILE A 484 14.23 2.25 20.08
C ILE A 484 14.61 1.15 19.12
N ALA A 485 14.00 1.16 17.93
CA ALA A 485 14.34 0.24 16.87
C ALA A 485 14.08 0.90 15.53
N GLY A 486 15.10 0.92 14.70
CA GLY A 486 15.06 1.60 13.43
C GLY A 486 15.64 0.69 12.38
N SER A 487 15.25 0.92 11.14
CA SER A 487 15.75 0.13 10.04
C SER A 487 15.68 0.91 8.75
N VAL A 488 16.68 0.68 7.91
CA VAL A 488 16.68 1.21 6.56
C VAL A 488 16.96 0.07 5.61
N GLU A 489 16.12 -0.04 4.60
CA GLU A 489 16.18 -1.15 3.66
C GLU A 489 16.13 -0.66 2.23
N TYR A 490 16.99 -1.19 1.37
CA TYR A 490 16.95 -0.88 -0.05
C TYR A 490 16.46 -2.12 -0.80
N GLN A 491 15.52 -1.92 -1.72
CA GLN A 491 15.01 -3.02 -2.52
C GLN A 491 15.27 -2.79 -4.01
N TYR A 492 15.81 -3.81 -4.66
CA TYR A 492 16.11 -3.80 -6.08
C TYR A 492 15.18 -4.77 -6.81
N PRO A 493 14.41 -4.25 -7.78
CA PRO A 493 13.49 -5.10 -8.55
C PRO A 493 14.26 -6.07 -9.43
N LEU A 494 14.05 -7.36 -9.21
CA LEU A 494 14.79 -8.36 -9.97
C LEU A 494 13.88 -8.98 -11.02
N ALA A 495 12.61 -9.12 -10.65
CA ALA A 495 11.56 -9.55 -11.56
C ALA A 495 10.24 -8.95 -11.11
N GLU A 496 9.18 -9.18 -11.87
CA GLU A 496 7.85 -8.88 -11.37
C GLU A 496 7.59 -9.79 -10.17
N ARG A 497 7.11 -9.20 -9.08
CA ARG A 497 6.80 -9.90 -7.85
C ARG A 497 8.07 -10.35 -7.11
N TRP A 498 9.23 -9.98 -7.63
CA TRP A 498 10.48 -10.40 -7.01
C TRP A 498 11.44 -9.24 -6.74
N ARG A 499 11.81 -9.07 -5.49
CA ARG A 499 12.76 -8.02 -5.12
C ARG A 499 13.90 -8.55 -4.26
N LEU A 500 15.02 -7.85 -4.31
CA LEU A 500 16.20 -8.21 -3.55
C LEU A 500 16.51 -7.08 -2.60
N ALA A 501 16.51 -7.37 -1.31
CA ALA A 501 16.65 -6.32 -0.32
C ALA A 501 17.95 -6.42 0.45
N THR A 502 18.45 -5.28 0.90
CA THR A 502 19.53 -5.24 1.87
C THR A 502 19.14 -4.24 2.93
N PHE A 503 19.46 -4.52 4.17
CA PHE A 503 18.93 -3.74 5.26
C PHE A 503 19.94 -3.56 6.37
N VAL A 504 19.70 -2.52 7.16
CA VAL A 504 20.42 -2.32 8.41
C VAL A 504 19.37 -2.00 9.45
N ASP A 505 19.34 -2.77 10.52
CA ASP A 505 18.47 -2.49 11.64
C ASP A 505 19.35 -2.13 12.82
N GLN A 506 18.90 -1.19 13.64
CA GLN A 506 19.57 -0.89 14.88
C GLN A 506 18.53 -0.69 15.95
N GLY A 507 18.79 -1.20 17.15
CA GLY A 507 17.88 -0.98 18.24
C GLY A 507 18.25 -1.67 19.53
N ASN A 508 17.51 -1.34 20.58
CA ASN A 508 17.62 -1.98 21.87
C ASN A 508 16.53 -1.52 22.82
N ALA A 509 16.31 -2.34 23.85
CA ALA A 509 15.49 -1.98 25.00
C ALA A 509 16.41 -1.83 26.20
N PHE A 510 16.22 -0.77 26.97
CA PHE A 510 17.18 -0.37 27.99
C PHE A 510 16.52 0.49 29.05
N ASN A 511 17.18 0.60 30.20
CA ASN A 511 16.62 1.33 31.35
C ASN A 511 17.19 2.74 31.55
N SER A 512 18.32 3.03 30.91
CA SER A 512 18.99 4.31 31.09
C SER A 512 19.18 4.99 29.74
N LEU A 513 18.66 6.19 29.59
CA LEU A 513 18.93 7.02 28.41
C LEU A 513 20.42 7.26 28.10
N ASP A 514 21.27 7.22 29.12
CA ASP A 514 22.70 7.53 28.94
C ASP A 514 23.51 6.35 28.39
N PHE A 515 23.00 5.15 28.58
CA PHE A 515 23.70 3.96 28.10
C PHE A 515 22.71 3.09 27.33
N PRO A 516 22.29 3.54 26.14
CA PRO A 516 21.29 2.78 25.37
C PRO A 516 21.85 1.46 24.87
N SER A 517 23.16 1.41 24.62
CA SER A 517 23.81 0.20 24.15
C SER A 517 23.09 -0.36 22.93
N ILE A 518 23.02 0.43 21.86
CA ILE A 518 22.23 0.06 20.70
C ILE A 518 22.88 -1.10 19.98
N LYS A 519 22.08 -2.12 19.69
CA LYS A 519 22.59 -3.27 18.98
C LYS A 519 22.31 -3.08 17.49
N THR A 520 23.17 -3.65 16.66
CA THR A 520 23.02 -3.48 15.22
C THR A 520 23.04 -4.82 14.51
N GLY A 521 22.03 -5.02 13.67
CA GLY A 521 22.01 -6.18 12.81
C GLY A 521 22.03 -5.63 11.40
N VAL A 522 22.73 -6.29 10.50
CA VAL A 522 22.72 -5.90 9.10
C VAL A 522 22.45 -7.13 8.28
N GLY A 523 21.98 -7.00 7.05
CA GLY A 523 21.83 -8.21 6.27
C GLY A 523 21.19 -8.00 4.93
N PHE A 524 20.74 -9.10 4.34
CA PHE A 524 20.09 -9.01 3.05
C PHE A 524 19.09 -10.14 2.91
N GLY A 525 18.02 -9.87 2.18
CA GLY A 525 17.00 -10.89 1.98
C GLY A 525 16.27 -10.81 0.68
N VAL A 526 15.23 -11.64 0.58
CA VAL A 526 14.40 -11.77 -0.59
C VAL A 526 12.96 -11.40 -0.26
N ARG A 527 12.34 -10.62 -1.14
CA ARG A 527 10.94 -10.26 -1.07
C ARG A 527 10.20 -10.88 -2.23
N TRP A 528 9.02 -11.42 -1.94
CA TRP A 528 8.19 -12.05 -2.97
C TRP A 528 6.76 -11.59 -2.76
N VAL A 529 6.22 -10.95 -3.80
CA VAL A 529 4.83 -10.53 -3.91
C VAL A 529 3.74 -11.53 -4.33
N SER A 530 3.15 -12.16 -3.32
CA SER A 530 2.21 -13.26 -3.48
C SER A 530 0.86 -12.51 -3.55
N PRO A 531 -0.25 -13.23 -3.80
CA PRO A 531 -1.49 -12.44 -3.79
C PRO A 531 -1.96 -11.96 -2.41
N VAL A 532 -1.74 -12.74 -1.36
CA VAL A 532 -2.08 -12.26 -0.02
C VAL A 532 -1.17 -11.10 0.38
N GLY A 533 0.14 -11.33 0.32
CA GLY A 533 1.09 -10.28 0.59
C GLY A 533 2.55 -10.63 0.36
N PRO A 534 3.42 -9.62 0.53
CA PRO A 534 4.89 -9.66 0.45
C PRO A 534 5.45 -10.54 1.56
N LEU A 535 6.08 -11.63 1.16
CA LEU A 535 6.70 -12.53 2.11
C LEU A 535 8.15 -12.11 2.07
N ARG A 536 8.74 -12.05 3.25
CA ARG A 536 10.14 -11.71 3.37
C ARG A 536 10.98 -12.68 4.17
N LEU A 537 12.12 -13.01 3.56
CA LEU A 537 13.07 -13.96 4.15
C LEU A 537 14.43 -13.27 4.15
N ASP A 538 14.94 -13.01 5.34
CA ASP A 538 16.16 -12.26 5.49
C ASP A 538 17.24 -13.08 6.16
N LEU A 539 18.48 -12.80 5.77
CA LEU A 539 19.62 -13.35 6.46
C LEU A 539 20.39 -12.20 7.09
N ALA A 540 20.50 -12.25 8.40
CA ALA A 540 20.99 -11.12 9.15
C ALA A 540 22.16 -11.51 10.07
N HIS A 541 23.15 -10.63 10.13
CA HIS A 541 24.32 -10.80 10.96
C HIS A 541 24.30 -9.75 12.05
N ALA A 542 24.34 -10.21 13.29
CA ALA A 542 24.44 -9.34 14.44
C ALA A 542 25.87 -8.84 14.62
N LEU A 543 26.04 -7.53 14.64
CA LEU A 543 27.35 -6.91 14.78
C LEU A 543 27.73 -6.78 16.25
N ASP A 544 26.71 -6.77 17.10
CA ASP A 544 26.88 -6.56 18.54
C ASP A 544 26.64 -7.86 19.32
N ASP A 545 26.83 -7.80 20.64
CA ASP A 545 26.82 -8.98 21.51
C ASP A 545 27.74 -10.03 20.93
N ASP A 546 27.32 -11.30 20.96
CA ASP A 546 28.09 -12.30 20.23
C ASP A 546 27.20 -12.66 19.05
N GLY A 547 27.46 -11.96 17.95
CA GLY A 547 26.63 -12.05 16.76
C GLY A 547 26.93 -13.22 15.86
N GLY A 548 25.94 -14.07 15.66
CA GLY A 548 26.05 -15.07 14.61
C GLY A 548 25.19 -14.67 13.45
N PHE A 549 24.53 -15.64 12.83
CA PHE A 549 23.65 -15.35 11.71
C PHE A 549 22.24 -15.82 12.02
N ARG A 550 21.27 -15.21 11.35
CA ARG A 550 19.88 -15.49 11.68
C ARG A 550 18.98 -15.38 10.46
N LEU A 551 18.03 -16.30 10.39
CA LEU A 551 17.06 -16.30 9.32
C LEU A 551 15.75 -15.75 9.84
N HIS A 552 15.27 -14.68 9.23
CA HIS A 552 13.99 -14.12 9.61
C HIS A 552 12.97 -14.35 8.53
N PHE A 553 11.75 -14.69 8.94
CA PHE A 553 10.68 -14.86 8.00
C PHE A 553 9.45 -14.16 8.49
N SER A 554 8.71 -13.59 7.55
CA SER A 554 7.56 -12.79 7.90
C SER A 554 6.61 -12.68 6.73
N MET A 555 5.37 -12.39 7.04
CA MET A 555 4.29 -12.31 6.08
C MET A 555 3.65 -10.96 6.38
N GLY A 556 2.83 -10.45 5.46
CA GLY A 556 2.10 -9.23 5.72
C GLY A 556 2.63 -8.10 4.87
N PRO A 557 1.86 -7.02 4.73
CA PRO A 557 2.23 -5.80 4.01
C PRO A 557 3.51 -5.15 4.53
N GLU A 558 4.22 -4.45 3.64
CA GLU A 558 5.47 -3.78 4.00
C GLU A 558 5.18 -2.66 4.99
N LEU A 559 4.00 -2.06 4.85
CA LEU A 559 3.60 -0.93 5.69
C LEU A 559 2.57 -1.35 6.73
#